data_5OFY
#
_entry.id   5OFY
#
_cell.length_a   89.049
_cell.length_b   89.049
_cell.length_c   140.864
_cell.angle_alpha   90.00
_cell.angle_beta   90.00
_cell.angle_gamma   90.00
#
_symmetry.space_group_name_H-M   'P 41 21 2'
#
loop_
_entity.id
_entity.type
_entity.pdbx_description
1 polymer 'Serine--pyruvate aminotransferase'
2 non-polymer "PYRIDOXAL-5'-PHOSPHATE"
3 non-polymer '1,4-DIETHYLENE DIOXIDE'
4 water water
#
_entity_poly.entity_id   1
_entity_poly.type   'polypeptide(L)'
_entity_poly.pdbx_seq_one_letter_code
;MASHKLLVTPPKALLKPLSIPNQLLLGPGPSNLPPRIMAAGGLQMIGSMSKDMYQIMDEIKEGIQYVFQTRNPLTLVISG
SGHCALEAALVNVLEPGDSFLVGANGIWGQRAVDIGERIGARVHPMTKDPGGHYTLQEVEEGLAQHKPVLLFLTHGESST
GVLQPLDGFGELCHRYKCLLLVNSVASLGGTPLYMDRQGIDILYSGSQKALNAPPGTSLISFSDKAKKKMYSRKTKPFSF
YLDIKWLANFWGCDDQPRMYHHTIPVISLYSLRESLALIAEQGLENSWRQHREAAAYLHGRLQALGLQLFVKDPALRLPT
VTTVAVPAGYDWRDIVSYVIDHFDIEIMGGLGPSTGKVLRIGLLGCNATRENVDRVTEALRAALQHCPKKKL
;
_entity_poly.pdbx_strand_id   A
#
loop_
_chem_comp.id
_chem_comp.type
_chem_comp.name
_chem_comp.formula
DIO non-polymer '1,4-DIETHYLENE DIOXIDE' 'C4 H8 O2'
PLP non-polymer PYRIDOXAL-5'-PHOSPHATE 'C8 H10 N O6 P'
#
# COMPACT_ATOMS: atom_id res chain seq x y z
N LYS A 5 43.45 -21.21 -7.66
CA LYS A 5 42.96 -19.96 -8.34
C LYS A 5 41.42 -19.87 -8.32
N LEU A 6 40.91 -18.66 -8.13
CA LEU A 6 39.48 -18.36 -8.18
C LEU A 6 38.96 -18.39 -9.61
N LEU A 7 37.93 -19.19 -9.85
CA LEU A 7 37.43 -19.36 -11.21
C LEU A 7 36.49 -18.24 -11.64
N VAL A 8 35.72 -17.68 -10.70
CA VAL A 8 34.85 -16.52 -11.02
C VAL A 8 35.61 -15.19 -10.80
N THR A 9 35.66 -14.36 -11.84
CA THR A 9 36.48 -13.16 -11.80
C THR A 9 35.65 -11.88 -11.56
N PRO A 10 36.29 -10.79 -11.09
CA PRO A 10 35.58 -9.53 -10.85
C PRO A 10 34.75 -9.02 -12.04
N PRO A 11 33.41 -8.91 -11.88
CA PRO A 11 32.48 -8.56 -12.96
C PRO A 11 32.73 -7.21 -13.63
N LYS A 12 32.99 -7.23 -14.94
CA LYS A 12 33.40 -6.03 -15.69
C LYS A 12 32.47 -4.84 -15.47
N ALA A 13 31.18 -5.14 -15.53
CA ALA A 13 30.13 -4.13 -15.39
C ALA A 13 30.15 -3.42 -14.02
N LEU A 14 30.45 -4.16 -12.94
CA LEU A 14 30.55 -3.56 -11.61
C LEU A 14 31.73 -2.61 -11.49
N LEU A 15 32.78 -2.80 -12.28
CA LEU A 15 33.96 -1.95 -12.09
C LEU A 15 33.79 -0.59 -12.75
N LYS A 16 32.68 -0.38 -13.45
CA LYS A 16 32.25 0.95 -13.86
C LYS A 16 31.48 1.60 -12.70
N PRO A 17 31.32 2.93 -12.73
CA PRO A 17 30.57 3.56 -11.64
C PRO A 17 29.08 3.47 -11.91
N LEU A 18 28.29 3.38 -10.84
CA LEU A 18 26.82 3.28 -10.92
C LEU A 18 26.25 4.59 -11.37
N SER A 19 25.27 4.54 -12.26
CA SER A 19 24.56 5.76 -12.63
C SER A 19 23.13 5.40 -13.03
N ILE A 20 22.21 6.28 -12.69
CA ILE A 20 20.79 5.98 -12.84
C ILE A 20 20.10 7.06 -13.64
N PRO A 21 19.11 6.70 -14.47
CA PRO A 21 18.41 7.77 -15.18
C PRO A 21 17.77 8.79 -14.25
N ASN A 22 16.99 9.69 -14.85
CA ASN A 22 16.21 10.64 -14.10
C ASN A 22 14.80 10.49 -14.63
N GLN A 23 13.91 9.91 -13.81
CA GLN A 23 12.56 9.53 -14.27
C GLN A 23 11.40 10.13 -13.46
N LEU A 24 10.26 10.23 -14.11
C LEU A 24 8.30 10.56 -12.89
N LEU A 25 8.36 9.68 -11.88
CA LEU A 25 7.50 8.45 -11.81
C LEU A 25 6.08 8.80 -11.47
N LEU A 26 5.13 8.47 -12.35
CA LEU A 26 3.74 8.84 -12.15
C LEU A 26 2.88 7.63 -12.45
N GLY A 27 3.36 6.47 -12.04
CA GLY A 27 2.55 5.26 -12.07
C GLY A 27 1.99 5.00 -10.68
N PRO A 28 1.37 3.83 -10.49
CA PRO A 28 0.86 3.35 -9.19
C PRO A 28 1.90 3.28 -8.07
N GLY A 29 3.19 3.42 -8.41
CA GLY A 29 4.25 3.48 -7.41
C GLY A 29 5.36 2.52 -7.79
N PRO A 30 6.54 2.70 -7.21
CA PRO A 30 6.83 3.69 -6.17
C PRO A 30 6.86 5.08 -6.67
N SER A 31 6.96 6.00 -5.75
CA SER A 31 6.91 7.39 -6.08
C SER A 31 8.30 7.99 -5.90
N ASN A 32 8.51 9.12 -6.58
CA ASN A 32 9.73 9.89 -6.43
C ASN A 32 9.92 10.37 -4.97
N LEU A 33 11.18 10.46 -4.57
CA LEU A 33 11.56 10.90 -3.24
C LEU A 33 11.86 12.41 -3.23
N PRO A 34 11.44 13.11 -2.17
CA PRO A 34 11.83 14.48 -2.00
C PRO A 34 13.17 14.59 -1.33
N PRO A 35 13.80 15.75 -1.46
CA PRO A 35 15.15 15.98 -1.01
C PRO A 35 15.38 15.45 0.36
N ARG A 36 14.44 15.73 1.26
CA ARG A 36 14.66 15.45 2.68
C ARG A 36 14.81 13.96 2.97
N ILE A 37 14.01 13.18 2.26
CA ILE A 37 14.07 11.73 2.33
C ILE A 37 15.33 11.15 1.68
N MET A 38 15.70 11.69 0.52
CA MET A 38 16.97 11.30 -0.09
C MET A 38 18.12 11.63 0.84
N ALA A 39 18.02 12.73 1.58
CA ALA A 39 19.08 13.12 2.52
C ALA A 39 19.21 12.11 3.62
N ALA A 40 18.07 11.74 4.19
CA ALA A 40 18.05 10.73 5.24
C ALA A 40 18.69 9.42 4.77
N GLY A 41 18.40 9.04 3.52
CA GLY A 41 18.90 7.80 2.94
C GLY A 41 20.41 7.75 2.73
N GLY A 42 21.03 8.94 2.82
CA GLY A 42 22.49 9.09 2.65
C GLY A 42 23.27 9.19 3.94
N LEU A 43 22.63 8.89 5.07
CA LEU A 43 23.24 9.10 6.36
C LEU A 43 24.00 7.89 6.84
N GLN A 44 24.81 8.08 7.86
CA GLN A 44 25.62 7.01 8.39
C GLN A 44 24.79 6.09 9.28
N MET A 45 25.30 4.88 9.48
CA MET A 45 24.68 3.90 10.34
C MET A 45 24.84 4.25 11.79
N ILE A 46 23.89 3.83 12.60
CA ILE A 46 24.07 3.89 14.03
C ILE A 46 23.86 2.51 14.57
N GLY A 47 24.16 2.31 15.84
CA GLY A 47 23.89 1.01 16.46
C GLY A 47 22.45 0.57 16.30
N SER A 48 22.22 -0.60 15.73
CA SER A 48 20.83 -1.07 15.46
C SER A 48 20.04 -1.46 16.72
N MET A 49 20.70 -1.48 17.87
CA MET A 49 19.99 -1.63 19.14
C MET A 49 20.47 -0.59 20.15
N SER A 50 20.57 0.66 19.69
CA SER A 50 21.06 1.76 20.53
C SER A 50 19.90 2.58 21.10
N LYS A 51 20.18 3.32 22.17
CA LYS A 51 19.16 4.17 22.79
C LYS A 51 18.62 5.09 21.71
N ASP A 52 19.51 5.59 20.84
CA ASP A 52 19.15 6.49 19.74
C ASP A 52 18.26 5.86 18.69
N MET A 53 18.55 4.59 18.38
CA MET A 53 17.75 3.85 17.40
C MET A 53 16.36 3.62 17.94
N TYR A 54 16.30 3.27 19.22
CA TYR A 54 15.02 3.09 19.90
C TYR A 54 14.16 4.34 19.87
N GLN A 55 14.77 5.49 20.18
CA GLN A 55 14.05 6.76 20.12
C GLN A 55 13.50 6.97 18.72
N ILE A 56 14.25 6.58 17.68
CA ILE A 56 13.77 6.80 16.29
C ILE A 56 12.56 5.95 15.99
N MET A 57 12.64 4.72 16.45
CA MET A 57 11.55 3.78 16.33
C MET A 57 10.29 4.30 17.05
N ASP A 58 10.49 4.80 18.27
CA ASP A 58 9.39 5.38 19.05
C ASP A 58 8.68 6.54 18.31
N GLU A 59 9.46 7.41 17.67
CA GLU A 59 8.91 8.48 16.84
C GLU A 59 8.22 7.92 15.57
N ILE A 60 8.79 6.87 15.03
CA ILE A 60 8.10 6.26 13.90
C ILE A 60 6.72 5.71 14.32
N LYS A 61 6.67 5.07 15.50
CA LYS A 61 5.39 4.55 15.99
C LYS A 61 4.37 5.67 16.13
N GLU A 62 4.74 6.71 16.88
CA GLU A 62 3.85 7.88 17.00
C GLU A 62 3.38 8.33 15.61
N GLY A 63 4.29 8.38 14.63
CA GLY A 63 3.89 8.74 13.26
C GLY A 63 2.91 7.79 12.60
N ILE A 64 3.05 6.52 12.93
CA ILE A 64 2.09 5.54 12.37
C ILE A 64 0.71 5.68 13.04
N GLN A 65 0.73 6.04 14.32
CA GLN A 65 -0.50 6.34 15.02
C GLN A 65 -1.19 7.54 14.35
N TYR A 66 -0.41 8.60 14.11
CA TYR A 66 -0.92 9.83 13.52
C TYR A 66 -1.48 9.67 12.11
N VAL A 67 -0.80 8.92 11.25
CA VAL A 67 -1.31 8.71 9.89
C VAL A 67 -2.43 7.68 9.78
N PHE A 68 -2.49 6.71 10.70
CA PHE A 68 -3.59 5.72 10.73
C PHE A 68 -4.83 6.25 11.49
N GLN A 69 -4.56 7.26 12.31
CA GLN A 69 -5.48 7.70 13.32
C GLN A 69 -5.83 6.47 14.18
N THR A 70 -4.90 6.19 15.08
CA THR A 70 -5.11 5.19 16.13
C THR A 70 -4.27 5.47 17.37
N ARG A 71 -4.65 4.89 18.50
CA ARG A 71 -3.79 4.89 19.69
C ARG A 71 -3.39 3.44 20.09
N ASN A 72 -3.83 2.42 19.32
CA ASN A 72 -3.35 1.00 19.44
C ASN A 72 -1.87 0.91 19.86
N PRO A 73 -1.58 0.38 21.07
CA PRO A 73 -0.17 0.24 21.46
C PRO A 73 0.59 -0.80 20.64
N LEU A 74 -0.14 -1.70 19.95
CA LEU A 74 0.51 -2.66 19.06
C LEU A 74 0.50 -2.13 17.65
N THR A 75 1.42 -1.16 17.47
CA THR A 75 1.66 -0.47 16.20
C THR A 75 3.16 -0.35 15.96
N LEU A 76 3.58 -0.81 14.77
CA LEU A 76 4.98 -1.02 14.46
C LEU A 76 5.28 -1.16 12.97
N VAL A 77 6.57 -1.22 12.65
CA VAL A 77 7.01 -1.28 11.26
C VAL A 77 7.42 -2.69 10.94
N ILE A 78 6.96 -3.16 9.79
CA ILE A 78 7.40 -4.43 9.24
C ILE A 78 8.62 -4.19 8.36
N SER A 79 9.72 -4.87 8.68
CA SER A 79 10.92 -4.86 7.81
C SER A 79 10.68 -5.57 6.48
N GLY A 80 9.95 -4.95 5.55
CA GLY A 80 9.64 -5.61 4.27
C GLY A 80 8.49 -4.93 3.55
N SER A 81 8.26 -5.29 2.29
CA SER A 81 7.31 -4.57 1.46
C SER A 81 5.83 -4.79 1.85
N GLY A 82 4.94 -4.23 1.04
CA GLY A 82 3.49 -4.42 1.23
C GLY A 82 3.02 -5.87 1.43
N HIS A 83 3.43 -6.76 0.53
CA HIS A 83 3.14 -8.19 0.69
C HIS A 83 3.66 -8.73 2.00
N CYS A 84 4.73 -8.14 2.51
CA CYS A 84 5.34 -8.66 3.71
C CYS A 84 4.41 -8.34 4.88
N ALA A 85 3.94 -7.11 4.91
CA ALA A 85 3.00 -6.68 5.94
C ALA A 85 1.73 -7.53 5.88
N LEU A 86 1.25 -7.83 4.68
CA LEU A 86 0.04 -8.64 4.54
C LEU A 86 0.30 -10.01 5.18
N GLU A 87 1.29 -10.70 4.60
CA GLU A 87 1.65 -12.02 5.05
C GLU A 87 1.83 -12.01 6.56
N ALA A 88 2.35 -10.91 7.09
CA ALA A 88 2.56 -10.83 8.55
C ALA A 88 1.24 -10.83 9.35
N ALA A 89 0.25 -10.09 8.85
CA ALA A 89 -1.04 -9.98 9.50
C ALA A 89 -1.78 -11.32 9.41
N LEU A 90 -1.73 -11.95 8.23
CA LEU A 90 -2.35 -13.25 8.03
C LEU A 90 -1.66 -14.37 8.78
N VAL A 91 -0.35 -14.36 8.86
CA VAL A 91 0.33 -15.50 9.45
C VAL A 91 0.27 -15.49 10.99
N ASN A 92 -0.01 -14.32 11.57
CA ASN A 92 -0.11 -14.17 13.03
C ASN A 92 -1.57 -14.19 13.52
N VAL A 93 -2.52 -13.89 12.62
CA VAL A 93 -3.93 -13.86 13.01
C VAL A 93 -4.66 -15.15 12.64
N LEU A 94 -4.13 -15.92 11.69
CA LEU A 94 -4.83 -17.11 11.21
C LEU A 94 -4.15 -18.43 11.54
N GLU A 95 -4.82 -19.24 12.38
CA GLU A 95 -4.44 -20.65 12.62
C GLU A 95 -5.08 -21.51 11.54
N PRO A 96 -4.36 -22.55 11.03
CA PRO A 96 -4.84 -23.29 9.86
C PRO A 96 -6.31 -23.69 10.02
N GLY A 97 -7.05 -23.63 8.93
CA GLY A 97 -8.46 -23.97 8.90
C GLY A 97 -9.37 -22.77 9.09
N ASP A 98 -8.99 -21.84 9.98
CA ASP A 98 -9.80 -20.67 10.30
C ASP A 98 -10.47 -20.11 9.05
N SER A 99 -11.63 -19.47 9.22
CA SER A 99 -12.40 -19.01 8.08
C SER A 99 -11.93 -17.62 7.71
N PHE A 100 -11.77 -17.40 6.40
CA PHE A 100 -11.17 -16.18 5.85
C PHE A 100 -11.96 -15.60 4.67
N LEU A 101 -12.58 -14.43 4.92
CA LEU A 101 -13.42 -13.79 3.92
C LEU A 101 -12.63 -12.69 3.20
N VAL A 102 -12.59 -12.77 1.86
CA VAL A 102 -11.69 -11.94 1.07
C VAL A 102 -12.38 -11.22 -0.09
N GLY A 103 -12.15 -9.89 -0.17
CA GLY A 103 -12.73 -9.06 -1.21
C GLY A 103 -11.98 -9.10 -2.55
N ALA A 104 -12.25 -10.10 -3.37
CA ALA A 104 -11.39 -10.35 -4.53
C ALA A 104 -11.78 -9.52 -5.75
N ASN A 105 -11.57 -8.20 -5.67
CA ASN A 105 -12.01 -7.28 -6.75
C ASN A 105 -10.89 -6.78 -7.65
N GLY A 106 -9.76 -7.47 -7.61
CA GLY A 106 -8.57 -7.02 -8.31
C GLY A 106 -7.42 -7.77 -7.68
N ILE A 107 -6.20 -7.47 -8.10
CA ILE A 107 -5.07 -8.32 -7.76
C ILE A 107 -4.82 -8.46 -6.26
N TRP A 108 -5.15 -7.42 -5.49
CA TRP A 108 -4.79 -7.36 -4.06
C TRP A 108 -5.63 -8.27 -3.14
N GLY A 109 -6.85 -8.56 -3.55
CA GLY A 109 -7.60 -9.64 -2.98
C GLY A 109 -7.00 -10.95 -3.44
N GLN A 110 -6.78 -11.09 -4.75
CA GLN A 110 -6.21 -12.33 -5.29
C GLN A 110 -4.97 -12.76 -4.51
N ARG A 111 -4.08 -11.80 -4.22
CA ARG A 111 -2.87 -12.15 -3.47
C ARG A 111 -3.17 -12.60 -2.03
N ALA A 112 -4.02 -11.87 -1.33
CA ALA A 112 -4.49 -12.30 -0.02
C ALA A 112 -5.08 -13.75 -0.06
N VAL A 113 -5.75 -14.08 -1.17
CA VAL A 113 -6.23 -15.45 -1.42
C VAL A 113 -5.05 -16.42 -1.35
N ASP A 114 -4.13 -16.29 -2.32
CA ASP A 114 -2.94 -17.14 -2.43
C ASP A 114 -2.22 -17.34 -1.07
N ILE A 115 -2.00 -16.22 -0.36
CA ILE A 115 -1.37 -16.26 0.95
C ILE A 115 -2.21 -17.04 1.95
N GLY A 116 -3.52 -16.78 1.96
CA GLY A 116 -4.46 -17.51 2.85
C GLY A 116 -4.40 -19.00 2.62
N GLU A 117 -4.55 -19.39 1.35
CA GLU A 117 -4.42 -20.79 0.92
C GLU A 117 -3.10 -21.41 1.35
N ARG A 118 -2.01 -20.67 1.15
CA ARG A 118 -0.68 -21.16 1.53
C ARG A 118 -0.54 -21.47 3.01
N ILE A 119 -1.18 -20.69 3.89
CA ILE A 119 -0.99 -20.91 5.32
C ILE A 119 -2.08 -21.82 5.87
N GLY A 120 -2.90 -22.33 4.96
CA GLY A 120 -3.90 -23.36 5.25
C GLY A 120 -5.18 -22.83 5.87
N ALA A 121 -5.65 -21.67 5.42
CA ALA A 121 -6.88 -21.09 5.96
C ALA A 121 -8.09 -21.52 5.11
N ARG A 122 -9.29 -21.32 5.69
CA ARG A 122 -10.56 -21.51 4.99
C ARG A 122 -10.84 -20.30 4.11
N VAL A 123 -10.51 -20.40 2.82
CA VAL A 123 -10.53 -19.24 1.93
C VAL A 123 -11.81 -19.11 1.08
N HIS A 124 -12.62 -18.10 1.41
CA HIS A 124 -13.86 -17.77 0.69
C HIS A 124 -13.77 -16.41 -0.04
N PRO A 125 -13.42 -16.43 -1.36
CA PRO A 125 -13.21 -15.22 -2.19
C PRO A 125 -14.44 -14.55 -2.82
N MET A 126 -14.96 -13.49 -2.20
CA MET A 126 -16.06 -12.74 -2.83
C MET A 126 -15.52 -12.13 -4.13
N THR A 127 -15.70 -12.84 -5.24
CA THR A 127 -15.11 -12.46 -6.53
C THR A 127 -15.93 -11.37 -7.22
N LYS A 128 -15.25 -10.38 -7.80
CA LYS A 128 -15.95 -9.29 -8.48
C LYS A 128 -15.12 -8.70 -9.63
N ASP A 129 -15.76 -8.45 -10.77
CA ASP A 129 -15.05 -7.94 -11.95
C ASP A 129 -14.27 -6.67 -11.61
N PRO A 130 -13.21 -6.39 -12.39
CA PRO A 130 -12.39 -5.20 -12.17
C PRO A 130 -13.15 -3.89 -12.43
N GLY A 131 -13.14 -3.03 -11.41
CA GLY A 131 -14.01 -1.87 -11.40
C GLY A 131 -14.96 -1.93 -10.22
N GLY A 132 -15.31 -3.15 -9.78
CA GLY A 132 -16.34 -3.33 -8.77
C GLY A 132 -15.86 -3.04 -7.37
N HIS A 133 -16.78 -2.73 -6.47
CA HIS A 133 -16.49 -2.63 -5.02
C HIS A 133 -17.52 -3.42 -4.18
N TYR A 134 -17.41 -3.38 -2.86
CA TYR A 134 -18.25 -4.22 -2.00
C TYR A 134 -19.22 -3.45 -1.09
N THR A 135 -20.50 -3.77 -1.26
CA THR A 135 -21.58 -3.19 -0.46
C THR A 135 -21.67 -3.90 0.88
N LEU A 136 -22.19 -3.19 1.86
CA LEU A 136 -22.43 -3.77 3.19
C LEU A 136 -23.18 -5.11 3.09
N GLN A 137 -24.10 -5.22 2.12
CA GLN A 137 -24.91 -6.42 1.91
C GLN A 137 -24.17 -7.61 1.29
N GLU A 138 -23.30 -7.36 0.31
CA GLU A 138 -22.43 -8.42 -0.20
C GLU A 138 -21.51 -8.88 0.91
N VAL A 139 -21.17 -7.99 1.86
CA VAL A 139 -20.38 -8.34 3.04
C VAL A 139 -21.15 -9.20 4.07
N GLU A 140 -22.30 -8.71 4.50
CA GLU A 140 -23.17 -9.49 5.39
C GLU A 140 -23.49 -10.90 4.85
N GLU A 141 -23.81 -10.96 3.55
CA GLU A 141 -24.09 -12.23 2.83
C GLU A 141 -22.97 -13.27 2.99
N GLY A 142 -21.73 -12.78 2.96
CA GLY A 142 -20.56 -13.65 3.12
C GLY A 142 -20.26 -13.93 4.58
N LEU A 143 -20.44 -12.91 5.43
CA LEU A 143 -20.24 -13.05 6.88
C LEU A 143 -21.17 -14.12 7.46
N ALA A 144 -22.41 -14.10 6.95
CA ALA A 144 -23.45 -15.05 7.31
C ALA A 144 -23.19 -16.44 6.74
N GLN A 145 -23.01 -16.54 5.42
CA GLN A 145 -22.82 -17.86 4.80
C GLN A 145 -21.54 -18.60 5.23
N HIS A 146 -20.41 -17.88 5.36
CA HIS A 146 -19.11 -18.49 5.68
C HIS A 146 -18.60 -18.29 7.15
N LYS A 147 -19.22 -17.36 7.92
CA LYS A 147 -18.88 -17.07 9.35
C LYS A 147 -17.38 -17.01 9.69
N PRO A 148 -16.60 -16.19 8.94
CA PRO A 148 -15.13 -16.06 9.04
C PRO A 148 -14.63 -15.47 10.36
N VAL A 149 -13.36 -15.72 10.72
CA VAL A 149 -12.73 -15.01 11.84
C VAL A 149 -12.02 -13.74 11.36
N LEU A 150 -11.82 -13.61 10.04
CA LEU A 150 -11.15 -12.45 9.45
C LEU A 150 -11.59 -12.10 8.02
N LEU A 151 -11.86 -10.81 7.82
CA LEU A 151 -12.19 -10.30 6.51
C LEU A 151 -11.15 -9.31 5.99
N PHE A 152 -10.77 -9.47 4.71
CA PHE A 152 -9.80 -8.59 4.04
C PHE A 152 -10.47 -7.71 2.99
N LEU A 153 -10.28 -6.41 3.15
CA LEU A 153 -10.74 -5.44 2.16
C LEU A 153 -9.60 -4.55 1.70
N THR A 154 -9.50 -4.39 0.37
CA THR A 154 -8.60 -3.41 -0.25
C THR A 154 -9.24 -2.04 -0.20
N HIS A 155 -8.56 -1.03 0.37
CA HIS A 155 -9.15 0.31 0.51
C HIS A 155 -8.94 1.03 -0.79
N GLY A 156 -7.67 1.26 -1.13
CA GLY A 156 -7.32 1.85 -2.40
C GLY A 156 -6.92 0.72 -3.34
N GLU A 157 -7.83 0.33 -4.24
CA GLU A 157 -7.49 -0.76 -5.14
C GLU A 157 -6.70 -0.20 -6.34
N SER A 158 -5.39 -0.17 -6.19
CA SER A 158 -4.52 0.38 -7.23
C SER A 158 -4.53 -0.37 -8.58
N SER A 159 -5.07 -1.58 -8.64
CA SER A 159 -5.13 -2.33 -9.90
C SER A 159 -6.40 -2.05 -10.71
N THR A 160 -7.39 -1.42 -10.07
CA THR A 160 -8.65 -1.07 -10.75
C THR A 160 -9.08 0.40 -10.55
N GLY A 161 -8.31 1.16 -9.77
CA GLY A 161 -8.54 2.60 -9.59
C GLY A 161 -9.70 2.92 -8.68
N VAL A 162 -10.12 1.92 -7.90
CA VAL A 162 -11.33 1.97 -7.09
C VAL A 162 -11.06 2.32 -5.62
N LEU A 163 -11.82 3.27 -5.11
CA LEU A 163 -11.78 3.59 -3.68
C LEU A 163 -12.91 2.78 -3.05
N GLN A 164 -12.58 1.95 -2.07
CA GLN A 164 -13.59 1.15 -1.39
C GLN A 164 -14.14 1.93 -0.22
N PRO A 165 -15.47 2.09 -0.16
CA PRO A 165 -16.05 2.68 1.04
C PRO A 165 -15.80 1.80 2.27
N LEU A 166 -15.59 2.44 3.40
CA LEU A 166 -15.21 1.74 4.62
C LEU A 166 -16.17 1.95 5.77
N ASP A 167 -16.80 3.12 5.87
CA ASP A 167 -17.64 3.41 7.04
C ASP A 167 -18.59 2.24 7.33
N GLY A 168 -18.69 1.87 8.61
CA GLY A 168 -19.67 0.88 9.06
C GLY A 168 -19.31 -0.60 8.99
N PHE A 169 -18.43 -0.99 8.06
CA PHE A 169 -17.99 -2.40 7.88
C PHE A 169 -17.27 -2.94 9.13
N GLY A 170 -16.60 -2.08 9.88
CA GLY A 170 -15.90 -2.53 11.08
C GLY A 170 -16.89 -3.13 12.07
N GLU A 171 -17.91 -2.32 12.35
CA GLU A 171 -19.11 -2.74 13.06
C GLU A 171 -19.83 -3.99 12.47
N LEU A 172 -20.10 -4.03 11.16
CA LEU A 172 -20.69 -5.23 10.55
C LEU A 172 -19.88 -6.46 10.89
N CYS A 173 -18.55 -6.32 10.90
CA CYS A 173 -17.68 -7.45 11.26
C CYS A 173 -17.89 -7.85 12.72
N HIS A 174 -17.90 -6.88 13.63
CA HIS A 174 -17.98 -7.17 15.08
C HIS A 174 -19.27 -7.81 15.53
N ARG A 175 -20.37 -7.50 14.85
CA ARG A 175 -21.63 -8.21 15.03
C ARG A 175 -21.46 -9.70 14.68
N TYR A 176 -20.77 -10.02 13.59
CA TYR A 176 -20.50 -11.44 13.26
C TYR A 176 -19.20 -11.94 13.93
N LYS A 177 -18.85 -11.35 15.08
CA LYS A 177 -17.59 -11.62 15.83
C LYS A 177 -16.24 -11.50 15.05
N CYS A 178 -16.30 -11.09 13.77
CA CYS A 178 -15.16 -11.19 12.83
C CYS A 178 -14.14 -10.03 13.01
N LEU A 179 -12.90 -10.20 12.49
CA LEU A 179 -11.90 -9.11 12.50
C LEU A 179 -11.76 -8.46 11.12
N LEU A 180 -11.60 -7.13 11.12
CA LEU A 180 -11.48 -6.38 9.86
C LEU A 180 -10.05 -5.98 9.55
N LEU A 181 -9.53 -6.54 8.46
CA LEU A 181 -8.20 -6.21 7.95
C LEU A 181 -8.32 -5.38 6.67
N VAL A 182 -7.72 -4.19 6.68
CA VAL A 182 -7.78 -3.28 5.55
C VAL A 182 -6.39 -2.96 5.01
N ASN A 183 -6.23 -3.15 3.69
CA ASN A 183 -5.03 -2.79 2.91
C ASN A 183 -5.10 -1.34 2.44
N SER A 184 -4.30 -0.48 3.06
CA SER A 184 -4.31 0.94 2.72
C SER A 184 -2.97 1.36 2.14
N VAL A 185 -2.31 0.49 1.41
CA VAL A 185 -1.00 0.83 0.90
C VAL A 185 -1.19 2.02 -0.06
N ALA A 186 -2.10 1.84 -1.02
CA ALA A 186 -2.40 2.89 -2.00
C ALA A 186 -3.02 4.12 -1.36
N SER A 187 -3.93 3.93 -0.42
CA SER A 187 -4.81 5.02 0.00
C SER A 187 -4.25 5.88 1.12
N LEU A 188 -3.54 5.25 2.04
CA LEU A 188 -2.99 5.96 3.17
C LEU A 188 -2.29 7.23 2.71
N GLY A 189 -2.74 8.36 3.27
CA GLY A 189 -2.15 9.66 3.01
C GLY A 189 -2.92 10.48 1.98
N GLY A 190 -3.72 9.82 1.14
CA GLY A 190 -4.31 10.49 0.00
C GLY A 190 -5.82 10.41 -0.08
N THR A 191 -6.43 9.85 0.96
CA THR A 191 -7.89 9.83 1.07
C THR A 191 -8.23 9.63 2.55
N PRO A 192 -9.47 9.97 2.96
CA PRO A 192 -9.79 9.79 4.36
C PRO A 192 -9.78 8.33 4.79
N LEU A 193 -9.21 8.14 5.99
CA LEU A 193 -9.04 6.85 6.64
C LEU A 193 -8.83 7.08 8.15
N TYR A 194 -9.67 6.46 8.97
CA TYR A 194 -9.57 6.61 10.42
C TYR A 194 -9.71 5.23 11.09
N MET A 195 -8.57 4.69 11.53
CA MET A 195 -8.58 3.29 11.98
C MET A 195 -9.61 3.03 13.11
N ASP A 196 -9.43 3.73 14.22
CA ASP A 196 -10.27 3.56 15.38
C ASP A 196 -11.72 4.00 15.08
N ARG A 197 -11.92 5.22 14.58
CA ARG A 197 -13.28 5.67 14.20
C ARG A 197 -13.95 4.82 13.09
N GLN A 198 -13.25 3.88 12.41
CA GLN A 198 -13.98 2.95 11.50
C GLN A 198 -13.93 1.48 11.92
N GLY A 199 -13.40 1.24 13.12
CA GLY A 199 -13.37 -0.09 13.70
C GLY A 199 -12.63 -1.05 12.79
N ILE A 200 -11.39 -0.72 12.47
CA ILE A 200 -10.53 -1.61 11.71
C ILE A 200 -9.63 -2.26 12.74
N ASP A 201 -9.40 -3.56 12.55
CA ASP A 201 -8.66 -4.37 13.52
C ASP A 201 -7.20 -4.51 13.16
N ILE A 202 -6.97 -4.75 11.88
CA ILE A 202 -5.64 -4.71 11.32
C ILE A 202 -5.66 -3.78 10.10
N LEU A 203 -4.85 -2.72 10.19
CA LEU A 203 -4.60 -1.77 9.10
C LEU A 203 -3.13 -1.78 8.70
N TYR A 204 -2.83 -1.99 7.43
CA TYR A 204 -1.44 -1.88 6.99
C TYR A 204 -1.27 -0.97 5.75
N SER A 205 -0.08 -0.37 5.65
CA SER A 205 0.31 0.39 4.45
C SER A 205 1.77 0.19 4.08
N GLY A 206 2.15 0.73 2.92
CA GLY A 206 3.54 0.71 2.44
C GLY A 206 4.22 2.07 2.53
N SER A 207 5.54 2.05 2.64
CA SER A 207 6.32 3.28 2.65
C SER A 207 6.35 3.99 1.28
N GLN A 208 6.19 3.24 0.19
CA GLN A 208 6.53 3.80 -1.10
C GLN A 208 5.47 4.58 -1.85
N LYS A 209 4.22 4.59 -1.37
CA LYS A 209 3.14 5.28 -2.13
C LYS A 209 3.11 6.72 -1.73
N ALA A 210 2.01 7.20 -1.19
CA ALA A 210 1.86 8.62 -0.93
C ALA A 210 2.85 9.21 0.09
N LEU A 211 3.54 8.37 0.85
CA LEU A 211 4.49 8.83 1.84
C LEU A 211 5.83 9.18 1.22
N ASN A 212 5.97 8.85 -0.05
CA ASN A 212 7.18 9.13 -0.82
C ASN A 212 8.47 8.60 -0.20
N ALA A 213 8.41 7.48 0.53
CA ALA A 213 9.63 6.82 1.00
C ALA A 213 10.12 5.72 0.03
N PRO A 214 11.35 5.23 0.25
CA PRO A 214 11.78 4.17 -0.64
C PRO A 214 11.08 2.86 -0.27
N PRO A 215 10.72 2.05 -1.28
CA PRO A 215 10.08 0.77 -1.01
C PRO A 215 10.96 -0.11 -0.16
N GLY A 216 10.31 -1.01 0.58
CA GLY A 216 10.97 -1.97 1.49
C GLY A 216 10.66 -1.84 2.98
N THR A 217 9.85 -0.85 3.37
CA THR A 217 9.28 -0.89 4.72
C THR A 217 7.77 -0.84 4.61
N SER A 218 7.09 -1.39 5.64
CA SER A 218 5.64 -1.18 5.75
C SER A 218 5.19 -0.88 7.19
N LEU A 219 4.00 -0.31 7.27
CA LEU A 219 3.41 0.07 8.52
C LEU A 219 2.30 -0.92 8.82
N ILE A 220 2.13 -1.18 10.11
CA ILE A 220 1.05 -2.03 10.56
C ILE A 220 0.59 -1.70 11.96
N SER A 221 -0.71 -1.83 12.18
CA SER A 221 -1.29 -1.64 13.52
C SER A 221 -2.38 -2.66 13.79
N PHE A 222 -2.45 -3.07 15.07
CA PHE A 222 -3.44 -4.04 15.56
C PHE A 222 -4.28 -3.55 16.75
N SER A 223 -5.60 -3.74 16.62
CA SER A 223 -6.56 -3.53 17.73
C SER A 223 -6.38 -4.58 18.80
N ASP A 224 -7.02 -4.37 19.93
CA ASP A 224 -6.89 -5.27 21.08
C ASP A 224 -7.64 -6.60 20.88
N LYS A 225 -8.70 -6.58 20.07
CA LYS A 225 -9.37 -7.82 19.64
C LYS A 225 -8.43 -8.67 18.76
N ALA A 226 -7.61 -8.00 17.95
CA ALA A 226 -6.65 -8.71 17.12
C ALA A 226 -5.51 -9.20 18.02
N LYS A 227 -4.96 -8.27 18.79
CA LYS A 227 -3.88 -8.54 19.74
C LYS A 227 -4.23 -9.74 20.60
N LYS A 228 -5.47 -9.79 21.08
CA LYS A 228 -5.96 -10.94 21.87
C LYS A 228 -5.97 -12.25 21.06
N LYS A 229 -6.50 -12.22 19.83
CA LYS A 229 -6.51 -13.43 18.99
C LYS A 229 -5.11 -13.95 18.71
N MET A 230 -4.16 -13.03 18.48
CA MET A 230 -2.80 -13.43 18.09
C MET A 230 -2.01 -13.98 19.29
N TYR A 231 -2.14 -13.33 20.44
CA TYR A 231 -1.42 -13.74 21.65
C TYR A 231 -1.98 -15.03 22.32
N SER A 232 -3.21 -15.41 21.97
CA SER A 232 -3.87 -16.60 22.55
C SER A 232 -4.03 -17.76 21.53
N ARG A 233 -3.37 -17.60 20.38
CA ARG A 233 -3.04 -18.72 19.49
C ARG A 233 -2.54 -19.93 20.24
N LYS A 234 -2.83 -21.12 19.73
CA LYS A 234 -2.26 -22.34 20.31
C LYS A 234 -1.22 -22.99 19.40
N THR A 235 -1.30 -22.71 18.11
CA THR A 235 -0.20 -23.00 17.20
C THR A 235 0.81 -21.79 17.20
N LYS A 236 2.08 -22.06 16.88
CA LYS A 236 3.01 -21.00 16.54
C LYS A 236 2.80 -20.64 15.05
N PRO A 237 2.87 -19.33 14.72
CA PRO A 237 2.82 -18.87 13.32
C PRO A 237 3.97 -19.43 12.48
N PHE A 238 3.71 -19.67 11.21
CA PHE A 238 4.70 -20.32 10.34
C PHE A 238 6.03 -19.58 10.07
N SER A 239 6.11 -18.28 10.36
CA SER A 239 7.28 -17.48 10.07
C SER A 239 7.87 -16.94 11.37
N PHE A 240 9.19 -17.04 11.52
CA PHE A 240 9.87 -16.46 12.71
C PHE A 240 10.15 -14.98 12.49
N TYR A 241 10.63 -14.68 11.29
CA TYR A 241 10.83 -13.33 10.85
C TYR A 241 9.60 -12.45 11.16
N LEU A 242 8.41 -13.01 10.97
CA LEU A 242 7.16 -12.26 11.13
C LEU A 242 6.36 -12.58 12.40
N ASP A 243 6.97 -13.28 13.36
CA ASP A 243 6.26 -13.57 14.59
C ASP A 243 5.99 -12.28 15.36
N ILE A 244 4.72 -11.97 15.54
CA ILE A 244 4.33 -10.72 16.16
C ILE A 244 4.77 -10.58 17.62
N LYS A 245 4.79 -11.67 18.39
CA LYS A 245 5.14 -11.61 19.79
C LYS A 245 6.57 -11.13 19.93
N TRP A 246 7.43 -11.59 19.03
CA TRP A 246 8.83 -11.13 18.92
C TRP A 246 8.92 -9.67 18.53
N LEU A 247 8.26 -9.32 17.43
CA LEU A 247 8.33 -7.97 16.86
C LEU A 247 7.86 -6.94 17.88
N ALA A 248 6.71 -7.21 18.45
CA ALA A 248 6.12 -6.33 19.44
C ALA A 248 7.11 -5.97 20.53
N ASN A 249 7.80 -6.99 21.05
CA ASN A 249 8.77 -6.77 22.13
C ASN A 249 9.87 -5.84 21.66
N PHE A 250 10.44 -6.14 20.51
CA PHE A 250 11.55 -5.35 20.00
C PHE A 250 11.11 -3.90 19.80
N TRP A 251 9.92 -3.74 19.22
CA TRP A 251 9.41 -2.40 18.98
C TRP A 251 8.87 -1.66 20.21
N GLY A 252 9.18 -2.16 21.42
CA GLY A 252 8.76 -1.52 22.67
C GLY A 252 7.26 -1.56 23.02
N CYS A 253 6.48 -2.42 22.33
CA CYS A 253 5.01 -2.46 22.57
C CYS A 253 4.62 -3.14 23.91
N ASP A 254 5.27 -4.27 24.24
CA ASP A 254 5.00 -5.02 25.47
C ASP A 254 5.93 -4.63 26.62
N ASP A 255 5.70 -5.24 27.79
CA ASP A 255 6.32 -4.84 29.08
C ASP A 255 7.83 -5.09 29.23
N GLN A 256 8.34 -6.10 28.51
CA GLN A 256 9.71 -6.59 28.71
C GLN A 256 10.73 -5.72 28.04
N PRO A 257 11.99 -5.80 28.48
CA PRO A 257 13.07 -5.12 27.78
C PRO A 257 13.25 -5.69 26.36
N ARG A 258 13.72 -4.84 25.45
CA ARG A 258 13.73 -5.16 24.03
C ARG A 258 14.79 -6.20 23.71
N MET A 259 14.36 -7.35 23.22
CA MET A 259 15.23 -8.49 23.02
C MET A 259 15.45 -8.62 21.52
N TYR A 260 16.71 -8.78 21.11
CA TYR A 260 17.08 -8.88 19.68
C TYR A 260 16.30 -9.95 18.93
N HIS A 261 15.78 -9.61 17.76
CA HIS A 261 15.01 -10.56 16.99
C HIS A 261 15.63 -10.71 15.62
N HIS A 262 15.41 -9.69 14.80
CA HIS A 262 16.16 -9.49 13.58
C HIS A 262 16.68 -8.06 13.59
N THR A 263 17.50 -7.76 12.59
CA THR A 263 18.14 -6.47 12.42
C THR A 263 17.27 -5.58 11.54
N ILE A 264 16.86 -4.42 12.06
CA ILE A 264 15.96 -3.52 11.32
C ILE A 264 16.72 -2.76 10.26
N PRO A 265 16.07 -2.47 9.12
CA PRO A 265 16.77 -1.73 8.06
C PRO A 265 17.04 -0.25 8.41
N VAL A 266 18.12 0.00 9.13
CA VAL A 266 18.35 1.28 9.81
C VAL A 266 18.13 2.51 8.92
N ILE A 267 18.81 2.51 7.79
CA ILE A 267 18.80 3.64 6.88
C ILE A 267 17.42 3.80 6.26
N SER A 268 16.70 2.72 6.05
CA SER A 268 15.32 2.85 5.57
C SER A 268 14.44 3.45 6.62
N LEU A 269 14.73 3.14 7.88
CA LEU A 269 14.00 3.75 8.96
C LEU A 269 14.17 5.29 9.02
N TYR A 270 15.43 5.78 9.02
CA TYR A 270 15.70 7.20 8.82
C TYR A 270 14.78 7.84 7.76
N SER A 271 14.82 7.31 6.52
CA SER A 271 13.87 7.69 5.46
C SER A 271 12.42 7.67 5.94
N LEU A 272 11.97 6.56 6.51
CA LEU A 272 10.55 6.47 6.92
C LEU A 272 10.14 7.56 7.90
N ARG A 273 10.97 7.73 8.92
CA ARG A 273 10.82 8.79 9.90
C ARG A 273 10.56 10.11 9.19
N GLU A 274 11.48 10.50 8.32
CA GLU A 274 11.33 11.77 7.60
C GLU A 274 10.03 11.80 6.81
N SER A 275 9.67 10.74 6.10
CA SER A 275 8.44 10.78 5.30
C SER A 275 7.24 11.04 6.19
N LEU A 276 7.31 10.51 7.41
CA LEU A 276 6.27 10.74 8.39
C LEU A 276 6.32 12.19 8.89
N ALA A 277 7.49 12.69 9.26
CA ALA A 277 7.58 14.10 9.70
C ALA A 277 7.00 15.07 8.65
N LEU A 278 7.26 14.81 7.38
CA LEU A 278 6.73 15.66 6.29
C LEU A 278 5.22 15.71 6.32
N ILE A 279 4.59 14.54 6.37
CA ILE A 279 3.12 14.49 6.38
C ILE A 279 2.50 14.91 7.74
N ALA A 280 3.21 14.69 8.82
CA ALA A 280 2.86 15.25 10.11
C ALA A 280 2.90 16.79 10.13
N GLU A 281 3.93 17.37 9.53
CA GLU A 281 3.95 18.83 9.31
C GLU A 281 2.87 19.31 8.34
N GLN A 282 2.68 18.59 7.24
CA GLN A 282 1.64 18.98 6.28
C GLN A 282 0.25 18.80 6.88
N GLY A 283 0.06 17.74 7.65
CA GLY A 283 -1.26 17.44 8.16
C GLY A 283 -2.14 16.68 7.18
N LEU A 284 -2.86 15.68 7.70
CA LEU A 284 -3.60 14.74 6.91
C LEU A 284 -4.71 15.33 6.06
N GLU A 285 -5.41 16.31 6.59
CA GLU A 285 -6.59 16.79 5.90
C GLU A 285 -6.15 17.67 4.76
N ASN A 286 -5.00 18.32 4.94
CA ASN A 286 -4.39 19.09 3.86
C ASN A 286 -3.87 18.16 2.75
N SER A 287 -3.27 17.04 3.18
CA SER A 287 -2.87 15.99 2.26
C SER A 287 -4.06 15.48 1.48
N TRP A 288 -5.15 15.14 2.16
CA TRP A 288 -6.31 14.57 1.49
C TRP A 288 -6.92 15.58 0.51
N ARG A 289 -6.89 16.85 0.90
CA ARG A 289 -7.35 17.89 -0.01
C ARG A 289 -6.46 17.86 -1.26
N GLN A 290 -5.15 18.08 -1.09
CA GLN A 290 -4.18 18.10 -2.20
C GLN A 290 -4.47 17.01 -3.22
N HIS A 291 -4.55 15.77 -2.72
CA HIS A 291 -4.81 14.58 -3.56
C HIS A 291 -6.16 14.62 -4.29
N ARG A 292 -7.19 15.06 -3.56
CA ARG A 292 -8.54 15.12 -4.11
C ARG A 292 -8.61 16.10 -5.27
N GLU A 293 -8.09 17.30 -5.04
CA GLU A 293 -8.06 18.34 -6.05
C GLU A 293 -7.32 17.84 -7.28
N ALA A 294 -6.07 17.42 -7.10
CA ALA A 294 -5.27 16.90 -8.19
C ALA A 294 -6.04 15.84 -8.99
N ALA A 295 -6.54 14.82 -8.29
CA ALA A 295 -7.30 13.79 -8.99
C ALA A 295 -8.42 14.33 -9.92
N ALA A 296 -9.08 15.39 -9.45
CA ALA A 296 -10.15 16.04 -10.22
C ALA A 296 -9.63 16.74 -11.47
N TYR A 297 -8.56 17.54 -11.29
CA TYR A 297 -7.85 18.23 -12.38
C TYR A 297 -7.47 17.20 -13.42
N LEU A 298 -6.78 16.15 -12.97
CA LEU A 298 -6.35 15.08 -13.88
C LEU A 298 -7.52 14.47 -14.65
N HIS A 299 -8.57 14.09 -13.93
CA HIS A 299 -9.74 13.49 -14.61
C HIS A 299 -10.27 14.37 -15.76
N GLY A 300 -10.26 15.70 -15.53
CA GLY A 300 -10.75 16.68 -16.50
C GLY A 300 -9.91 16.72 -17.74
N ARG A 301 -8.59 16.91 -17.56
CA ARG A 301 -7.64 16.92 -18.67
C ARG A 301 -7.71 15.62 -19.47
N LEU A 302 -7.87 14.49 -18.78
CA LEU A 302 -7.86 13.17 -19.44
C LEU A 302 -9.05 12.93 -20.35
N GLN A 303 -10.23 13.39 -19.92
CA GLN A 303 -11.39 13.34 -20.81
C GLN A 303 -11.21 14.33 -21.95
N ALA A 304 -10.55 15.45 -21.68
CA ALA A 304 -10.17 16.44 -22.72
C ALA A 304 -9.37 15.83 -23.87
N LEU A 305 -8.41 14.94 -23.57
CA LEU A 305 -7.70 14.21 -24.64
C LEU A 305 -8.60 13.24 -25.41
N GLY A 306 -9.79 12.95 -24.86
CA GLY A 306 -10.78 12.10 -25.51
C GLY A 306 -10.87 10.72 -24.89
N LEU A 307 -10.19 10.51 -23.76
CA LEU A 307 -10.14 9.19 -23.10
C LEU A 307 -11.35 8.97 -22.19
N GLN A 308 -11.64 7.70 -21.90
CA GLN A 308 -12.77 7.33 -21.04
C GLN A 308 -12.25 6.69 -19.76
N LEU A 309 -12.55 7.32 -18.62
CA LEU A 309 -12.14 6.84 -17.29
C LEU A 309 -12.78 5.49 -16.97
N PHE A 310 -12.00 4.57 -16.42
CA PHE A 310 -12.47 3.20 -16.22
C PHE A 310 -13.61 3.18 -15.20
N VAL A 311 -13.39 3.83 -14.06
CA VAL A 311 -14.39 3.90 -13.01
C VAL A 311 -15.35 5.03 -13.32
N LYS A 312 -16.56 4.67 -13.73
CA LYS A 312 -17.61 5.62 -14.15
C LYS A 312 -18.02 6.59 -13.02
N ASP A 313 -18.24 6.08 -11.82
CA ASP A 313 -18.71 6.89 -10.69
C ASP A 313 -17.57 7.63 -9.96
N PRO A 314 -17.54 8.99 -10.04
CA PRO A 314 -16.48 9.84 -9.42
C PRO A 314 -16.26 9.65 -7.90
N ALA A 315 -17.33 9.37 -7.17
CA ALA A 315 -17.24 9.03 -5.75
C ALA A 315 -16.50 7.70 -5.50
N LEU A 316 -16.45 6.81 -6.49
CA LEU A 316 -15.71 5.55 -6.35
C LEU A 316 -14.27 5.60 -6.89
N ARG A 317 -13.79 6.76 -7.35
CA ARG A 317 -12.44 6.86 -7.87
C ARG A 317 -11.35 7.06 -6.81
N LEU A 318 -10.28 6.27 -6.91
CA LEU A 318 -9.14 6.40 -6.01
C LEU A 318 -8.31 7.61 -6.47
N PRO A 319 -8.18 8.63 -5.61
CA PRO A 319 -7.37 9.81 -5.92
C PRO A 319 -5.93 9.52 -6.30
N THR A 320 -5.27 8.63 -5.54
CA THR A 320 -3.84 8.31 -5.74
C THR A 320 -3.53 7.53 -7.04
N VAL A 321 -4.54 6.85 -7.61
CA VAL A 321 -4.31 5.98 -8.76
C VAL A 321 -5.53 5.97 -9.66
N THR A 322 -5.38 6.53 -10.85
CA THR A 322 -6.49 6.60 -11.77
C THR A 322 -6.38 5.51 -12.80
N THR A 323 -7.49 4.84 -13.09
CA THR A 323 -7.54 3.91 -14.20
C THR A 323 -8.22 4.55 -15.42
N VAL A 324 -7.60 4.41 -16.59
CA VAL A 324 -8.14 4.97 -17.83
C VAL A 324 -8.27 3.88 -18.89
N ALA A 325 -9.44 3.78 -19.53
CA ALA A 325 -9.69 2.67 -20.45
C ALA A 325 -8.72 2.76 -21.61
N VAL A 326 -8.23 1.62 -22.09
CA VAL A 326 -7.33 1.61 -23.25
C VAL A 326 -8.16 2.11 -24.44
N PRO A 327 -7.74 3.24 -25.05
CA PRO A 327 -8.50 3.71 -26.20
C PRO A 327 -8.49 2.67 -27.34
N ALA A 328 -9.66 2.44 -27.93
CA ALA A 328 -9.80 1.45 -29.00
C ALA A 328 -8.81 1.69 -30.13
N GLY A 329 -8.28 0.59 -30.65
CA GLY A 329 -7.36 0.65 -31.79
C GLY A 329 -5.91 0.90 -31.46
N TYR A 330 -5.57 0.98 -30.17
CA TYR A 330 -4.19 1.14 -29.73
C TYR A 330 -3.64 -0.13 -29.10
N ASP A 331 -2.32 -0.18 -28.97
CA ASP A 331 -1.59 -1.18 -28.20
C ASP A 331 -1.11 -0.48 -26.93
N TRP A 332 -1.66 -0.85 -25.77
CA TRP A 332 -1.34 -0.15 -24.51
C TRP A 332 0.15 -0.08 -24.26
N ARG A 333 0.87 -1.17 -24.58
CA ARG A 333 2.31 -1.22 -24.44
C ARG A 333 3.00 -0.13 -25.30
N ASP A 334 2.47 0.15 -26.51
CA ASP A 334 3.02 1.23 -27.35
C ASP A 334 2.91 2.60 -26.66
N ILE A 335 1.76 2.85 -26.05
CA ILE A 335 1.52 4.12 -25.38
C ILE A 335 2.46 4.27 -24.21
N VAL A 336 2.46 3.29 -23.31
CA VAL A 336 3.33 3.30 -22.14
C VAL A 336 4.79 3.52 -22.57
N SER A 337 5.22 2.72 -23.55
CA SER A 337 6.58 2.82 -24.11
C SER A 337 6.84 4.23 -24.55
N TYR A 338 5.93 4.75 -25.35
CA TYR A 338 6.09 6.11 -25.87
C TYR A 338 6.38 7.15 -24.76
N VAL A 339 5.60 7.07 -23.70
CA VAL A 339 5.62 8.06 -22.64
C VAL A 339 6.96 8.08 -21.91
N ILE A 340 7.48 6.91 -21.58
CA ILE A 340 8.80 6.82 -20.96
C ILE A 340 9.90 7.15 -21.99
N ASP A 341 9.80 6.55 -23.18
CA ASP A 341 10.84 6.66 -24.21
C ASP A 341 11.04 8.12 -24.65
N HIS A 342 9.95 8.89 -24.77
CA HIS A 342 10.05 10.25 -25.31
C HIS A 342 10.00 11.39 -24.26
N PHE A 343 9.47 11.12 -23.07
CA PHE A 343 9.30 12.17 -22.04
C PHE A 343 9.98 11.90 -20.69
N ASP A 344 10.61 10.74 -20.53
CA ASP A 344 11.17 10.30 -19.25
C ASP A 344 10.10 10.20 -18.14
N ILE A 345 8.89 9.72 -18.49
CA ILE A 345 7.79 9.56 -17.52
C ILE A 345 7.27 8.13 -17.45
N GLU A 346 7.18 7.59 -16.23
CA GLU A 346 6.59 6.28 -16.01
C GLU A 346 5.11 6.39 -15.73
N ILE A 347 4.34 5.70 -16.57
CA ILE A 347 3.00 5.23 -16.22
C ILE A 347 2.95 3.70 -16.37
N MET A 348 1.80 3.09 -16.11
CA MET A 348 1.72 1.63 -16.13
C MET A 348 0.48 1.19 -16.89
N GLY A 349 0.45 -0.10 -17.23
CA GLY A 349 -0.75 -0.71 -17.79
C GLY A 349 -1.57 -1.26 -16.66
N GLY A 350 -2.39 -2.26 -16.94
CA GLY A 350 -3.18 -2.94 -15.91
C GLY A 350 -2.33 -3.76 -14.94
N LEU A 351 -2.97 -4.76 -14.31
CA LEU A 351 -2.30 -5.65 -13.39
C LEU A 351 -3.31 -6.65 -12.85
N GLY A 352 -2.96 -7.93 -12.92
CA GLY A 352 -3.88 -8.99 -12.51
C GLY A 352 -5.12 -8.92 -13.39
N PRO A 353 -6.30 -8.89 -12.76
CA PRO A 353 -7.51 -8.88 -13.57
C PRO A 353 -7.55 -7.74 -14.60
N SER A 354 -7.05 -6.56 -14.25
CA SER A 354 -7.16 -5.41 -15.17
C SER A 354 -6.13 -5.44 -16.32
N THR A 355 -5.32 -6.50 -16.39
CA THR A 355 -4.23 -6.58 -17.37
C THR A 355 -4.77 -6.32 -18.78
N GLY A 356 -4.17 -5.35 -19.47
CA GLY A 356 -4.50 -5.05 -20.87
C GLY A 356 -5.78 -4.26 -21.05
N LYS A 357 -6.51 -4.03 -19.96
CA LYS A 357 -7.79 -3.30 -20.00
C LYS A 357 -7.55 -1.81 -19.81
N VAL A 358 -6.55 -1.46 -19.01
CA VAL A 358 -6.41 -0.11 -18.51
C VAL A 358 -5.01 0.45 -18.63
N LEU A 359 -4.95 1.77 -18.49
CA LEU A 359 -3.70 2.43 -18.17
C LEU A 359 -3.88 2.99 -16.78
N ARG A 360 -2.77 3.03 -16.02
CA ARG A 360 -2.78 3.53 -14.63
C ARG A 360 -1.83 4.72 -14.48
N ILE A 361 -2.35 5.76 -13.82
CA ILE A 361 -1.63 7.00 -13.58
C ILE A 361 -1.70 7.36 -12.10
N GLY A 362 -0.55 7.74 -11.52
CA GLY A 362 -0.43 7.82 -10.08
C GLY A 362 -0.04 9.16 -9.49
N LEU A 363 -0.85 9.64 -8.56
CA LEU A 363 -0.53 10.87 -7.84
C LEU A 363 -0.30 10.64 -6.33
N LEU A 364 0.95 10.69 -5.91
CA LEU A 364 1.39 10.20 -4.62
C LEU A 364 2.29 11.19 -3.90
N GLY A 365 1.82 11.70 -2.77
CA GLY A 365 2.57 12.61 -1.93
C GLY A 365 2.90 13.89 -2.64
N CYS A 366 4.12 14.40 -2.39
CA CYS A 366 4.59 15.61 -3.06
C CYS A 366 4.45 15.51 -4.58
N ASN A 367 4.46 14.31 -5.17
CA ASN A 367 4.27 14.19 -6.63
C ASN A 367 2.81 14.27 -7.10
N ALA A 368 1.87 14.62 -6.21
CA ALA A 368 0.47 14.75 -6.64
C ALA A 368 0.11 16.22 -6.89
N THR A 369 0.65 16.80 -7.95
CA THR A 369 0.50 18.22 -8.26
C THR A 369 -0.15 18.43 -9.62
N ARG A 370 -0.76 19.61 -9.75
CA ARG A 370 -1.31 20.08 -11.02
C ARG A 370 -0.22 20.03 -12.09
N GLU A 371 0.97 20.49 -11.70
CA GLU A 371 2.14 20.53 -12.56
C GLU A 371 2.41 19.18 -13.24
N ASN A 372 2.43 18.13 -12.43
CA ASN A 372 2.76 16.80 -12.94
C ASN A 372 1.62 16.28 -13.79
N VAL A 373 0.39 16.63 -13.41
CA VAL A 373 -0.77 16.24 -14.22
C VAL A 373 -0.61 16.76 -15.65
N ASP A 374 -0.24 18.05 -15.75
CA ASP A 374 0.06 18.64 -17.04
C ASP A 374 1.03 17.72 -17.78
N ARG A 375 2.22 17.55 -17.21
CA ARG A 375 3.29 16.83 -17.89
C ARG A 375 2.81 15.52 -18.47
N VAL A 376 2.01 14.80 -17.69
CA VAL A 376 1.53 13.50 -18.12
C VAL A 376 0.45 13.66 -19.19
N THR A 377 -0.32 14.75 -19.10
CA THR A 377 -1.39 15.00 -20.09
C THR A 377 -0.81 15.19 -21.51
N GLU A 378 0.28 15.95 -21.56
CA GLU A 378 0.94 16.29 -22.82
C GLU A 378 1.71 15.08 -23.34
N ALA A 379 2.33 14.33 -22.44
CA ALA A 379 2.88 13.02 -22.82
C ALA A 379 1.81 12.11 -23.48
N LEU A 380 0.61 12.01 -22.88
CA LEU A 380 -0.45 11.14 -23.46
C LEU A 380 -0.99 11.64 -24.81
N ARG A 381 -1.14 12.96 -24.90
CA ARG A 381 -1.45 13.62 -26.17
C ARG A 381 -0.54 13.15 -27.30
N ALA A 382 0.76 13.33 -27.10
CA ALA A 382 1.77 12.92 -28.06
C ALA A 382 1.65 11.43 -28.38
N ALA A 383 1.58 10.58 -27.36
CA ALA A 383 1.48 9.15 -27.63
C ALA A 383 0.25 8.83 -28.48
N LEU A 384 -0.87 9.51 -28.19
CA LEU A 384 -2.10 9.31 -29.00
C LEU A 384 -1.99 9.76 -30.46
N GLN A 385 -1.10 10.71 -30.73
CA GLN A 385 -0.79 11.16 -32.10
C GLN A 385 0.17 10.21 -32.86
N HIS A 386 1.19 9.68 -32.19
CA HIS A 386 2.26 8.89 -32.86
C HIS A 386 2.24 7.37 -32.68
N CYS A 387 1.57 6.85 -31.63
CA CYS A 387 1.52 5.40 -31.37
C CYS A 387 0.50 4.69 -32.28
N PRO A 388 0.97 3.70 -33.10
CA PRO A 388 0.22 3.19 -34.28
C PRO A 388 -1.24 2.77 -34.02
N LYS A 389 -2.16 3.19 -34.89
CA LYS A 389 -3.59 2.91 -34.71
C LYS A 389 -4.11 2.01 -35.82
N1 PLP B . -1.40 -3.18 -2.39
C2 PLP B . -1.74 -1.93 -2.73
C2A PLP B . -3.14 -1.41 -2.49
C3 PLP B . -0.74 -1.02 -3.35
O3 PLP B . -1.08 0.23 -3.69
C4 PLP B . 0.62 -1.55 -3.58
C4A PLP B . 1.74 -0.74 -4.20
C5 PLP B . 0.89 -2.95 -3.15
C6 PLP B . -0.17 -3.69 -2.58
C5A PLP B . 2.26 -3.59 -3.38
O4P PLP B . 3.19 -3.58 -2.29
P PLP B . 4.62 -4.26 -2.57
O1P PLP B . 4.56 -4.53 -4.04
O2P PLP B . 4.76 -5.48 -1.68
O3P PLP B . 5.57 -3.19 -2.13
C1 DIO C . 3.92 -2.50 -9.73
C2 DIO C . 3.79 -1.66 -7.53
C1' DIO C . 2.45 -2.07 -9.96
C2' DIO C . 2.32 -1.28 -7.73
O1 DIO C . 4.56 -1.69 -8.75
O1' DIO C . 1.64 -2.00 -8.77
#